data_3FP3
#
_entry.id   3FP3
#
_cell.length_a   76.901
_cell.length_b   83.416
_cell.length_c   109.114
_cell.angle_alpha   90.00
_cell.angle_beta   90.00
_cell.angle_gamma   90.00
#
_symmetry.space_group_name_H-M   'P 21 21 21'
#
loop_
_entity.id
_entity.type
_entity.pdbx_description
1 polymer 'TPR repeat-containing protein YHR117W'
2 non-polymer 'SULFATE ION'
3 non-polymer 'CHLORIDE ION'
4 water water
#
_entity_poly.entity_id   1
_entity_poly.type   'polypeptide(L)'
_entity_poly.pdbx_seq_one_letter_code
;GSHMNGEPDIAQLKGLSPSQRQAYAVQLKNRGNHFFTAKNFNEAIKYYQYAIELDPNEPVFYSNISACYISTGDLEKVIE
FTTKALEIKPDHSKALLRRASANESLGNFTDAMFDLSVLSLNGDFDGASIEPMLERNLNKQAMKVLNENLSKDEGRGSQV
LPSNTSLASFFGIFDSHLEVSSVNTSSNYDTAYALLSDALQRLYSATDEGYLVANDLLTKSTDMYHSLLSANTVDDPLRE
NAALALCYTGIFHFLKNNLLDAQVLLQESINLHPTPNSYIFLALTLADKENSQEFFKFFQKAVDLNPEYPPTYYHRGQMY
FILQDYKNAKEDFQKAQSLNPENVYPYIQLACLLYKQGKFTESEAFFNETKLKFPTLPEVPTFFAEILTDRGDFDTAIKQ
YDIAKRLEEVQEKIHVGIGPLIGKATILARQSSQDPTQLDEEKFNAAIKLLTKACELDPRSEQAKIGLAQLKLQMEKIDE
AIELFEDSAILARTMDEKLQATTFAEAAKIQKRLRADPIISAKMELTLARYRAKGML
;
_entity_poly.pdbx_strand_id   A
#
# COMPACT_ATOMS: atom_id res chain seq x y z
N GLU A 7 -17.28 -38.27 43.41
CA GLU A 7 -17.42 -39.22 44.53
C GLU A 7 -17.67 -38.43 45.80
N PRO A 8 -16.80 -37.43 46.14
CA PRO A 8 -17.28 -36.58 47.24
C PRO A 8 -18.57 -35.88 46.82
N ASP A 9 -19.42 -35.62 47.79
CA ASP A 9 -20.69 -34.97 47.51
C ASP A 9 -20.51 -33.46 47.58
N ILE A 10 -20.28 -32.83 46.44
CA ILE A 10 -20.00 -31.38 46.36
C ILE A 10 -21.20 -30.49 46.83
N ALA A 11 -22.42 -30.89 46.45
CA ALA A 11 -23.66 -30.20 46.87
C ALA A 11 -23.80 -30.13 48.39
N GLN A 12 -23.54 -31.26 49.06
CA GLN A 12 -23.47 -31.31 50.50
C GLN A 12 -22.39 -30.36 51.11
N LEU A 13 -21.15 -30.48 50.65
CA LEU A 13 -20.07 -29.55 51.03
C LEU A 13 -20.47 -28.08 50.78
N LYS A 14 -21.14 -27.83 49.65
CA LYS A 14 -21.65 -26.47 49.30
C LYS A 14 -22.51 -25.84 50.38
N GLY A 15 -23.30 -26.65 51.07
CA GLY A 15 -24.17 -26.20 52.15
C GLY A 15 -23.45 -25.88 53.45
N LEU A 16 -22.14 -26.12 53.52
CA LEU A 16 -21.34 -25.82 54.72
C LEU A 16 -20.95 -24.31 54.82
N SER A 17 -20.34 -23.93 55.95
CA SER A 17 -19.95 -22.53 56.24
C SER A 17 -18.90 -22.08 55.24
N PRO A 18 -18.83 -20.76 54.94
CA PRO A 18 -17.75 -20.25 54.11
C PRO A 18 -16.36 -20.79 54.45
N SER A 19 -15.97 -20.76 55.72
CA SER A 19 -14.64 -21.22 56.13
C SER A 19 -14.37 -22.70 55.76
N GLN A 20 -15.29 -23.59 56.14
CA GLN A 20 -15.26 -24.99 55.69
C GLN A 20 -15.12 -25.11 54.17
N ARG A 21 -15.96 -24.39 53.42
CA ARG A 21 -15.89 -24.44 51.95
C ARG A 21 -14.53 -23.98 51.42
N GLN A 22 -14.04 -22.84 51.93
CA GLN A 22 -12.69 -22.38 51.61
C GLN A 22 -11.64 -23.44 51.96
N ALA A 23 -11.74 -24.05 53.16
CA ALA A 23 -10.75 -25.05 53.60
C ALA A 23 -10.85 -26.34 52.80
N TYR A 24 -12.11 -26.87 52.65
CA TYR A 24 -12.36 -28.05 51.75
C TYR A 24 -11.86 -27.77 50.32
N ALA A 25 -12.06 -26.56 49.81
CA ALA A 25 -11.65 -26.21 48.43
C ALA A 25 -10.12 -26.31 48.15
N VAL A 26 -9.34 -25.86 49.14
CA VAL A 26 -7.86 -26.04 49.12
C VAL A 26 -7.50 -27.53 49.07
N GLN A 27 -8.23 -28.32 49.83
CA GLN A 27 -7.99 -29.75 49.87
C GLN A 27 -8.35 -30.37 48.55
N LEU A 28 -9.47 -29.95 47.98
CA LEU A 28 -9.89 -30.39 46.64
C LEU A 28 -8.86 -30.00 45.58
N LYS A 29 -8.39 -28.74 45.65
CA LYS A 29 -7.34 -28.28 44.72
C LYS A 29 -6.07 -29.14 44.89
N ASN A 30 -5.71 -29.43 46.14
CA ASN A 30 -4.56 -30.28 46.42
C ASN A 30 -4.63 -31.66 45.74
N ARG A 31 -5.80 -32.28 45.80
CA ARG A 31 -6.09 -33.57 45.12
C ARG A 31 -5.88 -33.44 43.65
N GLY A 32 -6.36 -32.32 43.09
CA GLY A 32 -6.21 -32.01 41.68
C GLY A 32 -4.75 -31.98 41.27
N ASN A 33 -3.93 -31.28 42.07
CA ASN A 33 -2.49 -31.16 41.84
C ASN A 33 -1.78 -32.50 41.75
N HIS A 34 -2.23 -33.42 42.58
CA HIS A 34 -1.74 -34.81 42.61
C HIS A 34 -2.09 -35.49 41.27
N PHE A 35 -3.38 -35.53 40.93
CA PHE A 35 -3.82 -36.16 39.70
C PHE A 35 -3.06 -35.61 38.50
N PHE A 36 -2.20 -34.62 38.75
CA PHE A 36 -1.40 -34.01 37.68
C PHE A 36 -0.55 -35.06 36.97
N THR A 37 -0.14 -36.09 37.71
CA THR A 37 0.68 -37.14 37.15
C THR A 37 0.63 -37.13 35.63
N ALA A 44 -8.12 -34.50 37.40
CA ALA A 44 -7.58 -33.15 37.73
C ALA A 44 -8.64 -32.04 37.53
N ILE A 45 -9.18 -31.97 36.31
CA ILE A 45 -10.23 -31.01 35.99
C ILE A 45 -11.41 -31.17 36.91
N LYS A 46 -11.76 -32.43 37.17
CA LYS A 46 -12.90 -32.76 38.02
C LYS A 46 -12.72 -32.16 39.41
N TYR A 47 -11.54 -32.35 39.99
CA TYR A 47 -11.23 -31.79 41.32
C TYR A 47 -11.06 -30.28 41.39
N TYR A 48 -10.49 -29.68 40.34
CA TYR A 48 -10.42 -28.22 40.31
C TYR A 48 -11.82 -27.64 40.17
N GLN A 49 -12.65 -28.29 39.35
CA GLN A 49 -14.02 -27.82 39.21
C GLN A 49 -14.74 -27.89 40.55
N TYR A 50 -14.52 -28.99 41.29
CA TYR A 50 -15.04 -29.12 42.65
C TYR A 50 -14.57 -27.98 43.54
N ALA A 51 -13.28 -27.65 43.41
CA ALA A 51 -12.68 -26.59 44.20
C ALA A 51 -13.36 -25.26 43.92
N ILE A 52 -13.55 -24.95 42.62
CA ILE A 52 -14.22 -23.72 42.17
C ILE A 52 -15.70 -23.69 42.61
N GLU A 53 -16.34 -24.86 42.61
CA GLU A 53 -17.74 -24.92 43.02
C GLU A 53 -17.82 -24.42 44.46
N LEU A 54 -16.84 -24.79 45.30
CA LEU A 54 -16.83 -24.41 46.71
C LEU A 54 -16.30 -23.00 47.04
N ASP A 55 -15.25 -22.58 46.34
CA ASP A 55 -14.64 -21.24 46.50
C ASP A 55 -14.26 -20.65 45.13
N PRO A 56 -15.15 -19.84 44.54
CA PRO A 56 -14.93 -19.27 43.20
C PRO A 56 -14.02 -18.02 43.19
N ASN A 57 -13.33 -17.73 44.29
CA ASN A 57 -12.59 -16.47 44.44
C ASN A 57 -11.07 -16.66 44.46
N GLU A 58 -10.63 -17.86 44.10
CA GLU A 58 -9.21 -18.24 44.13
C GLU A 58 -8.66 -18.43 42.72
N PRO A 59 -7.85 -17.46 42.24
CA PRO A 59 -7.32 -17.52 40.88
C PRO A 59 -6.49 -18.78 40.62
N VAL A 60 -5.85 -19.33 41.66
CA VAL A 60 -5.04 -20.54 41.52
C VAL A 60 -5.85 -21.68 40.90
N PHE A 61 -7.13 -21.79 41.27
CA PHE A 61 -7.98 -22.92 40.79
C PHE A 61 -8.22 -22.79 39.27
N TYR A 62 -8.50 -21.56 38.83
CA TYR A 62 -8.69 -21.28 37.39
C TYR A 62 -7.42 -21.45 36.60
N SER A 63 -6.30 -20.97 37.14
CA SER A 63 -5.05 -21.11 36.41
C SER A 63 -4.70 -22.61 36.31
N ASN A 64 -4.90 -23.35 37.39
CA ASN A 64 -4.65 -24.80 37.36
C ASN A 64 -5.47 -25.62 36.36
N ILE A 65 -6.77 -25.33 36.26
N ILE A 65 -6.75 -25.31 36.22
CA ILE A 65 -7.66 -25.94 35.25
CA ILE A 65 -7.60 -26.01 35.26
C ILE A 65 -7.21 -25.60 33.84
C ILE A 65 -7.32 -25.57 33.81
N SER A 66 -6.86 -24.33 33.60
CA SER A 66 -6.42 -23.90 32.26
C SER A 66 -5.18 -24.71 31.84
N ALA A 67 -4.28 -25.03 32.77
CA ALA A 67 -3.15 -25.92 32.46
C ALA A 67 -3.63 -27.32 32.01
N CYS A 68 -4.67 -27.82 32.66
CA CYS A 68 -5.29 -29.05 32.19
C CYS A 68 -5.76 -28.96 30.73
N TYR A 69 -6.43 -27.88 30.36
CA TYR A 69 -6.97 -27.77 28.98
C TYR A 69 -5.92 -27.55 27.89
N ILE A 70 -4.76 -27.05 28.26
CA ILE A 70 -3.61 -26.98 27.37
C ILE A 70 -3.18 -28.42 27.03
N SER A 71 -3.05 -29.25 28.08
CA SER A 71 -2.70 -30.67 27.97
C SER A 71 -3.69 -31.44 27.09
N THR A 72 -4.96 -31.15 27.23
CA THR A 72 -6.01 -31.86 26.51
C THR A 72 -6.30 -31.24 25.13
N GLY A 73 -5.74 -30.06 24.87
CA GLY A 73 -5.94 -29.33 23.63
C GLY A 73 -7.25 -28.60 23.45
N ASP A 74 -7.98 -28.35 24.53
CA ASP A 74 -9.23 -27.57 24.43
C ASP A 74 -9.00 -26.04 24.47
N LEU A 75 -8.73 -25.44 23.31
CA LEU A 75 -8.32 -24.00 23.24
C LEU A 75 -9.34 -23.02 23.81
N GLU A 76 -10.60 -23.27 23.51
CA GLU A 76 -11.70 -22.45 23.99
C GLU A 76 -11.83 -22.48 25.53
N LYS A 77 -11.61 -23.64 26.12
CA LYS A 77 -11.59 -23.72 27.57
C LYS A 77 -10.38 -23.02 28.18
N VAL A 78 -9.25 -23.00 27.46
CA VAL A 78 -8.08 -22.29 27.97
C VAL A 78 -8.44 -20.81 28.04
N ILE A 79 -9.14 -20.29 27.04
CA ILE A 79 -9.57 -18.89 27.06
C ILE A 79 -10.53 -18.64 28.23
N GLU A 80 -11.50 -19.52 28.39
CA GLU A 80 -12.47 -19.38 29.49
C GLU A 80 -11.79 -19.31 30.86
N PHE A 81 -10.84 -20.20 31.12
CA PHE A 81 -10.30 -20.23 32.49
C PHE A 81 -9.12 -19.33 32.75
N THR A 82 -8.34 -19.00 31.72
CA THR A 82 -7.33 -17.97 31.90
C THR A 82 -8.03 -16.65 32.18
N THR A 83 -9.14 -16.39 31.46
CA THR A 83 -9.91 -15.17 31.63
C THR A 83 -10.43 -15.09 33.07
N LYS A 84 -10.89 -16.22 33.59
CA LYS A 84 -11.32 -16.21 34.98
C LYS A 84 -10.22 -15.88 35.99
N ALA A 85 -9.02 -16.43 35.80
CA ALA A 85 -7.87 -16.06 36.62
C ALA A 85 -7.56 -14.57 36.48
N LEU A 86 -7.55 -14.09 35.23
CA LEU A 86 -7.20 -12.71 34.93
C LEU A 86 -8.22 -11.67 35.43
N GLU A 87 -9.48 -12.10 35.62
CA GLU A 87 -10.51 -11.20 36.16
C GLU A 87 -10.15 -10.83 37.60
N ILE A 88 -9.48 -11.74 38.28
CA ILE A 88 -9.06 -11.53 39.63
C ILE A 88 -7.65 -10.90 39.72
N LYS A 89 -6.72 -11.39 38.91
CA LYS A 89 -5.34 -10.96 38.95
C LYS A 89 -4.94 -10.60 37.51
N PRO A 90 -5.24 -9.36 37.08
CA PRO A 90 -5.10 -8.98 35.66
C PRO A 90 -3.68 -8.97 35.07
N ASP A 91 -2.67 -9.08 35.93
CA ASP A 91 -1.27 -9.13 35.53
C ASP A 91 -0.64 -10.50 35.83
N HIS A 92 -1.48 -11.53 35.93
CA HIS A 92 -1.04 -12.91 36.16
C HIS A 92 -0.28 -13.32 34.88
N SER A 93 1.03 -13.45 35.00
N SER A 93 1.04 -13.45 34.96
CA SER A 93 1.91 -13.63 33.85
CA SER A 93 1.84 -13.60 33.74
C SER A 93 1.62 -14.93 33.10
C SER A 93 1.61 -14.95 33.07
N LYS A 94 1.51 -16.00 33.88
CA LYS A 94 1.19 -17.34 33.33
C LYS A 94 -0.14 -17.34 32.57
N ALA A 95 -1.18 -16.76 33.15
CA ALA A 95 -2.48 -16.70 32.46
C ALA A 95 -2.46 -15.82 31.21
N LEU A 96 -1.71 -14.70 31.24
CA LEU A 96 -1.66 -13.82 30.09
C LEU A 96 -0.97 -14.55 28.94
N LEU A 97 0.10 -15.26 29.25
CA LEU A 97 0.88 -15.98 28.24
C LEU A 97 0.10 -17.17 27.66
N ARG A 98 -0.57 -17.90 28.54
CA ARG A 98 -1.46 -18.95 28.05
C ARG A 98 -2.62 -18.44 27.22
N ARG A 99 -3.26 -17.36 27.65
CA ARG A 99 -4.40 -16.88 26.88
C ARG A 99 -3.95 -16.33 25.52
N ALA A 100 -2.80 -15.63 25.48
CA ALA A 100 -2.24 -15.12 24.21
C ALA A 100 -1.98 -16.29 23.23
N SER A 101 -1.45 -17.39 23.76
CA SER A 101 -1.11 -18.59 22.93
C SER A 101 -2.36 -19.17 22.33
N ALA A 102 -3.40 -19.36 23.16
CA ALA A 102 -4.63 -20.02 22.75
C ALA A 102 -5.32 -19.10 21.73
N ASN A 103 -5.28 -17.78 21.99
CA ASN A 103 -5.91 -16.83 21.13
C ASN A 103 -5.22 -16.83 19.76
N GLU A 104 -3.90 -16.86 19.78
CA GLU A 104 -3.14 -16.95 18.50
C GLU A 104 -3.59 -18.21 17.71
N SER A 105 -3.61 -19.36 18.38
CA SER A 105 -4.09 -20.61 17.77
C SER A 105 -5.51 -20.58 17.18
N LEU A 106 -6.41 -19.85 17.84
CA LEU A 106 -7.79 -19.77 17.43
C LEU A 106 -8.02 -18.71 16.35
N GLY A 107 -6.98 -17.94 16.03
CA GLY A 107 -7.07 -16.88 15.02
C GLY A 107 -7.54 -15.55 15.61
N ASN A 108 -7.50 -15.40 16.94
CA ASN A 108 -7.90 -14.16 17.62
C ASN A 108 -6.66 -13.29 17.86
N PHE A 109 -6.13 -12.74 16.76
CA PHE A 109 -4.79 -12.16 16.76
C PHE A 109 -4.80 -10.84 17.48
N THR A 110 -5.92 -10.12 17.45
CA THR A 110 -5.96 -8.82 18.19
C THR A 110 -5.91 -9.04 19.70
N ASP A 111 -6.64 -10.07 20.15
CA ASP A 111 -6.70 -10.39 21.59
C ASP A 111 -5.35 -10.90 22.03
N ALA A 112 -4.67 -11.68 21.15
CA ALA A 112 -3.31 -12.13 21.46
C ALA A 112 -2.35 -10.95 21.63
N MET A 113 -2.39 -9.98 20.71
N MET A 113 -2.44 -9.99 20.69
CA MET A 113 -1.49 -8.80 20.82
CA MET A 113 -1.61 -8.77 20.70
C MET A 113 -1.79 -7.96 22.05
C MET A 113 -1.82 -7.94 21.97
N PHE A 114 -3.07 -7.83 22.41
CA PHE A 114 -3.44 -7.05 23.63
C PHE A 114 -2.83 -7.67 24.87
N ASP A 115 -2.97 -9.00 25.03
CA ASP A 115 -2.40 -9.68 26.23
C ASP A 115 -0.90 -9.65 26.22
N LEU A 116 -0.27 -9.85 25.05
CA LEU A 116 1.19 -9.74 24.92
C LEU A 116 1.64 -8.30 25.22
N SER A 117 0.88 -7.31 24.80
CA SER A 117 1.19 -5.92 25.15
C SER A 117 1.18 -5.64 26.66
N VAL A 118 0.12 -6.13 27.34
CA VAL A 118 0.01 -6.02 28.82
C VAL A 118 1.15 -6.74 29.49
N LEU A 119 1.47 -7.95 29.02
CA LEU A 119 2.62 -8.68 29.55
C LEU A 119 3.94 -7.84 29.50
N SER A 120 4.16 -7.19 28.36
N SER A 120 4.17 -7.19 28.36
N SER A 120 4.22 -7.21 28.36
CA SER A 120 5.38 -6.38 28.12
CA SER A 120 5.38 -6.38 28.13
CA SER A 120 5.46 -6.45 28.25
C SER A 120 5.49 -5.13 29.00
C SER A 120 5.52 -5.18 29.08
C SER A 120 5.57 -5.32 29.28
N LEU A 121 4.43 -4.83 29.75
CA LEU A 121 4.43 -3.72 30.67
C LEU A 121 4.93 -4.17 32.04
N ASN A 122 5.00 -5.50 32.25
CA ASN A 122 5.63 -6.11 33.43
C ASN A 122 7.14 -6.08 33.29
N GLY A 123 7.78 -5.38 34.22
CA GLY A 123 9.23 -5.15 34.20
C GLY A 123 10.04 -6.41 34.42
N ASP A 124 9.38 -7.47 34.88
CA ASP A 124 10.00 -8.78 34.95
C ASP A 124 10.31 -9.43 33.57
N PHE A 125 9.70 -8.89 32.51
CA PHE A 125 9.86 -9.43 31.14
C PHE A 125 10.55 -8.42 30.26
N ASP A 126 11.62 -8.83 29.61
CA ASP A 126 12.33 -8.01 28.65
C ASP A 126 11.44 -7.82 27.39
N GLY A 127 11.15 -6.56 27.07
CA GLY A 127 10.33 -6.20 25.92
C GLY A 127 10.77 -6.94 24.64
N ALA A 128 12.07 -7.07 24.46
CA ALA A 128 12.62 -7.75 23.30
C ALA A 128 12.22 -9.24 23.22
N SER A 129 11.90 -9.89 24.35
CA SER A 129 11.56 -11.30 24.39
C SER A 129 10.10 -11.52 23.97
N ILE A 130 9.32 -10.46 23.95
CA ILE A 130 7.90 -10.49 23.58
C ILE A 130 7.61 -9.90 22.18
N GLU A 131 8.46 -8.98 21.75
CA GLU A 131 8.30 -8.37 20.44
C GLU A 131 8.11 -9.38 19.26
N PRO A 132 8.87 -10.51 19.24
CA PRO A 132 8.66 -11.46 18.09
C PRO A 132 7.24 -12.01 18.06
N MET A 133 6.65 -12.29 19.20
CA MET A 133 5.27 -12.75 19.14
C MET A 133 4.25 -11.65 18.86
N LEU A 134 4.50 -10.42 19.32
CA LEU A 134 3.66 -9.30 18.94
C LEU A 134 3.76 -9.12 17.44
N GLU A 135 4.97 -9.15 16.90
CA GLU A 135 5.14 -8.96 15.42
C GLU A 135 4.44 -10.06 14.61
N ARG A 136 4.55 -11.30 15.06
CA ARG A 136 3.98 -12.40 14.32
C ARG A 136 2.46 -12.29 14.26
N ASN A 137 1.85 -12.01 15.42
CA ASN A 137 0.42 -11.78 15.48
C ASN A 137 -0.05 -10.58 14.66
N LEU A 138 0.74 -9.51 14.68
CA LEU A 138 0.43 -8.35 13.86
C LEU A 138 0.38 -8.70 12.36
N ASN A 139 1.38 -9.43 11.89
CA ASN A 139 1.43 -9.81 10.47
C ASN A 139 0.26 -10.74 10.10
N LYS A 140 -0.07 -11.66 11.01
CA LYS A 140 -1.23 -12.53 10.77
C LYS A 140 -2.52 -11.75 10.73
N GLN A 141 -2.63 -10.73 11.59
CA GLN A 141 -3.84 -9.91 11.66
C GLN A 141 -4.00 -9.04 10.39
N ALA A 142 -2.89 -8.44 9.97
CA ALA A 142 -2.88 -7.63 8.73
C ALA A 142 -3.29 -8.48 7.51
N MET A 143 -2.75 -9.69 7.39
N MET A 143 -2.73 -9.69 7.37
CA MET A 143 -3.05 -10.56 6.24
CA MET A 143 -3.08 -10.55 6.21
C MET A 143 -4.49 -11.05 6.29
C MET A 143 -4.54 -10.96 6.30
N LYS A 144 -4.98 -11.30 7.51
CA LYS A 144 -6.40 -11.63 7.73
C LYS A 144 -7.33 -10.52 7.28
N VAL A 145 -7.05 -9.29 7.70
CA VAL A 145 -7.87 -8.16 7.34
C VAL A 145 -7.74 -7.86 5.83
N LEU A 146 -6.52 -7.84 5.30
CA LEU A 146 -6.32 -7.61 3.85
C LEU A 146 -7.12 -8.64 3.02
N ASN A 147 -7.00 -9.93 3.34
CA ASN A 147 -7.73 -10.95 2.60
C ASN A 147 -9.26 -10.77 2.73
N GLU A 148 -9.75 -10.43 3.91
CA GLU A 148 -11.18 -10.19 4.11
C GLU A 148 -11.67 -9.06 3.19
N ASN A 149 -10.89 -8.01 3.10
CA ASN A 149 -11.23 -6.82 2.31
C ASN A 149 -11.20 -7.08 0.81
N LEU A 150 -10.23 -7.89 0.39
CA LEU A 150 -10.12 -8.31 -0.99
C LEU A 150 -11.29 -9.21 -1.42
N SER A 151 -11.80 -9.98 -0.47
N SER A 151 -11.80 -10.01 -0.49
CA SER A 151 -12.85 -10.99 -0.68
CA SER A 151 -12.87 -10.96 -0.77
C SER A 151 -14.26 -10.41 -0.78
C SER A 151 -14.23 -10.29 -0.93
N LYS A 152 -14.50 -9.29 -0.09
CA LYS A 152 -15.83 -8.66 0.00
C LYS A 152 -16.08 -7.61 -1.07
N GLN A 159 -12.82 1.89 -9.13
CA GLN A 159 -13.39 3.12 -9.61
C GLN A 159 -12.63 4.36 -9.15
N VAL A 160 -11.58 4.15 -8.36
CA VAL A 160 -10.75 5.27 -7.84
C VAL A 160 -9.40 5.32 -8.56
N LEU A 161 -9.02 6.51 -9.01
CA LEU A 161 -7.77 6.73 -9.69
C LEU A 161 -6.57 6.85 -8.73
N PRO A 162 -5.36 6.56 -9.22
CA PRO A 162 -4.13 6.88 -8.50
C PRO A 162 -4.06 8.40 -8.29
N SER A 163 -3.11 8.87 -7.50
CA SER A 163 -2.95 10.30 -7.29
C SER A 163 -2.63 11.05 -8.61
N ASN A 164 -2.89 12.34 -8.61
CA ASN A 164 -2.59 13.16 -9.78
C ASN A 164 -1.06 13.20 -9.95
N THR A 165 -0.35 13.17 -8.84
CA THR A 165 1.13 13.10 -8.91
C THR A 165 1.58 11.82 -9.67
N SER A 166 1.01 10.67 -9.33
N SER A 166 1.04 10.65 -9.35
CA SER A 166 1.37 9.42 -9.99
CA SER A 166 1.48 9.45 -10.06
C SER A 166 0.95 9.38 -11.48
C SER A 166 0.96 9.38 -11.52
N LEU A 167 -0.24 9.92 -11.76
CA LEU A 167 -0.75 10.00 -13.14
C LEU A 167 0.10 10.88 -14.01
N ALA A 168 0.54 12.03 -13.47
CA ALA A 168 1.37 12.93 -14.27
C ALA A 168 2.68 12.19 -14.58
N SER A 169 3.16 11.45 -13.59
CA SER A 169 4.38 10.68 -13.78
C SER A 169 4.19 9.64 -14.87
N PHE A 170 3.07 8.90 -14.79
CA PHE A 170 2.87 7.78 -15.73
C PHE A 170 2.77 8.31 -17.17
N PHE A 171 2.02 9.39 -17.39
CA PHE A 171 1.86 9.94 -18.75
C PHE A 171 2.99 10.88 -19.21
N GLY A 172 3.98 11.10 -18.36
CA GLY A 172 5.05 12.09 -18.60
C GLY A 172 5.88 11.78 -19.85
N ILE A 173 6.09 10.50 -20.13
CA ILE A 173 6.91 10.09 -21.32
C ILE A 173 6.21 10.35 -22.68
N PHE A 174 4.89 10.47 -22.68
CA PHE A 174 4.20 10.52 -23.96
C PHE A 174 4.21 11.94 -24.54
N ASP A 175 4.07 12.00 -25.86
CA ASP A 175 4.01 13.30 -26.56
C ASP A 175 2.56 13.77 -26.63
N SER A 176 2.24 14.77 -25.80
CA SER A 176 0.85 15.21 -25.59
C SER A 176 0.18 15.61 -26.93
N HIS A 177 0.87 16.43 -27.68
CA HIS A 177 0.36 16.86 -29.00
C HIS A 177 0.18 15.72 -29.99
N LEU A 178 1.14 14.82 -30.08
CA LEU A 178 1.00 13.63 -30.90
C LEU A 178 -0.23 12.81 -30.54
N GLU A 179 -0.43 12.61 -29.24
CA GLU A 179 -1.53 11.75 -28.78
C GLU A 179 -2.90 12.36 -29.15
N VAL A 180 -3.06 13.66 -28.87
CA VAL A 180 -4.32 14.34 -29.11
C VAL A 180 -4.62 14.34 -30.63
N SER A 181 -3.59 14.60 -31.43
N SER A 181 -3.59 14.62 -31.44
CA SER A 181 -3.73 14.61 -32.88
CA SER A 181 -3.76 14.63 -32.89
C SER A 181 -4.00 13.24 -33.52
C SER A 181 -3.84 13.23 -33.54
N SER A 182 -3.83 12.16 -32.73
CA SER A 182 -3.92 10.80 -33.28
C SER A 182 -5.36 10.36 -33.56
N VAL A 183 -6.33 11.19 -33.15
CA VAL A 183 -7.75 10.94 -33.46
C VAL A 183 -7.93 11.26 -34.96
N ASN A 184 -8.51 10.32 -35.69
CA ASN A 184 -8.69 10.44 -37.14
C ASN A 184 -10.04 11.14 -37.46
N THR A 185 -10.00 12.24 -38.22
CA THR A 185 -11.23 12.97 -38.57
C THR A 185 -11.81 12.69 -40.00
N SER A 186 -11.30 11.64 -40.62
CA SER A 186 -11.61 11.32 -42.01
C SER A 186 -12.65 10.21 -42.19
N SER A 187 -13.24 9.72 -41.09
CA SER A 187 -14.26 8.69 -41.20
C SER A 187 -15.56 9.21 -41.82
N ASN A 188 -16.28 8.31 -42.51
CA ASN A 188 -17.61 8.63 -43.01
C ASN A 188 -18.70 8.11 -42.11
N TYR A 189 -18.30 7.48 -41.00
CA TYR A 189 -19.25 6.84 -40.11
C TYR A 189 -19.08 7.23 -38.64
N ASP A 190 -17.90 7.76 -38.31
CA ASP A 190 -17.59 8.04 -36.92
C ASP A 190 -18.25 9.33 -36.42
N THR A 191 -19.29 9.17 -35.64
CA THR A 191 -20.06 10.30 -35.14
C THR A 191 -19.69 10.60 -33.67
N ALA A 192 -18.64 9.96 -33.16
CA ALA A 192 -18.30 10.00 -31.73
C ALA A 192 -16.96 10.70 -31.46
N TYR A 193 -16.16 10.92 -32.50
CA TYR A 193 -14.75 11.25 -32.27
C TYR A 193 -14.43 12.58 -31.55
N ALA A 194 -15.33 13.55 -31.61
CA ALA A 194 -15.15 14.80 -30.86
C ALA A 194 -14.97 14.51 -29.35
N LEU A 195 -15.70 13.50 -28.87
CA LEU A 195 -15.66 13.11 -27.45
C LEU A 195 -14.32 12.47 -27.09
N LEU A 196 -13.83 11.59 -27.97
CA LEU A 196 -12.52 10.99 -27.78
C LEU A 196 -11.40 12.03 -27.83
N SER A 197 -11.49 12.93 -28.81
N SER A 197 -11.48 12.94 -28.79
CA SER A 197 -10.61 14.10 -28.87
CA SER A 197 -10.55 14.05 -28.79
C SER A 197 -10.64 14.92 -27.56
C SER A 197 -10.62 14.85 -27.48
N ASP A 198 -11.83 15.15 -27.03
CA ASP A 198 -11.97 15.89 -25.78
C ASP A 198 -11.30 15.15 -24.61
N ALA A 199 -11.52 13.83 -24.53
CA ALA A 199 -10.99 13.02 -23.44
C ALA A 199 -9.46 13.08 -23.43
N LEU A 200 -8.83 12.94 -24.62
CA LEU A 200 -7.39 13.04 -24.74
C LEU A 200 -6.86 14.44 -24.45
N GLN A 201 -7.55 15.48 -24.88
CA GLN A 201 -7.13 16.85 -24.52
C GLN A 201 -7.16 17.01 -22.98
N ARG A 202 -8.20 16.51 -22.35
CA ARG A 202 -8.29 16.64 -20.88
C ARG A 202 -7.20 15.79 -20.17
N LEU A 203 -7.00 14.55 -20.65
CA LEU A 203 -5.95 13.69 -20.13
C LEU A 203 -4.57 14.39 -20.18
N TYR A 204 -4.20 14.91 -21.36
CA TYR A 204 -2.89 15.48 -21.57
C TYR A 204 -2.75 16.93 -21.12
N SER A 205 -3.79 17.47 -20.53
CA SER A 205 -3.67 18.75 -19.82
C SER A 205 -2.81 18.61 -18.54
N ALA A 206 -2.67 17.38 -18.03
CA ALA A 206 -1.92 17.14 -16.79
C ALA A 206 -2.41 18.03 -15.64
N THR A 207 -3.72 17.96 -15.36
CA THR A 207 -4.31 18.75 -14.27
C THR A 207 -5.22 17.85 -13.43
N ASP A 208 -5.54 18.31 -12.22
CA ASP A 208 -6.50 17.62 -11.35
C ASP A 208 -7.81 17.29 -12.09
N GLU A 209 -8.41 18.31 -12.68
CA GLU A 209 -9.70 18.18 -13.42
C GLU A 209 -9.51 17.24 -14.60
N GLY A 210 -8.42 17.44 -15.32
CA GLY A 210 -8.06 16.65 -16.47
C GLY A 210 -8.14 15.14 -16.27
N TYR A 211 -7.55 14.62 -15.20
CA TYR A 211 -7.55 13.18 -14.98
C TYR A 211 -8.95 12.62 -14.67
N LEU A 212 -9.68 13.33 -13.83
CA LEU A 212 -11.06 12.95 -13.48
C LEU A 212 -11.95 12.91 -14.70
N VAL A 213 -11.91 14.00 -15.44
CA VAL A 213 -12.65 14.12 -16.67
C VAL A 213 -12.28 13.07 -17.69
N ALA A 214 -10.98 12.86 -17.91
CA ALA A 214 -10.50 11.88 -18.88
C ALA A 214 -11.07 10.50 -18.61
N ASN A 215 -11.07 10.06 -17.35
CA ASN A 215 -11.54 8.74 -17.00
C ASN A 215 -13.02 8.57 -17.39
N ASP A 216 -13.87 9.53 -17.05
N ASP A 216 -13.84 9.56 -17.06
CA ASP A 216 -15.30 9.39 -17.39
CA ASP A 216 -15.28 9.54 -17.35
C ASP A 216 -15.55 9.47 -18.90
C ASP A 216 -15.56 9.53 -18.85
N LEU A 217 -14.80 10.33 -19.59
CA LEU A 217 -15.02 10.55 -21.00
C LEU A 217 -14.51 9.43 -21.92
N LEU A 218 -13.39 8.83 -21.50
CA LEU A 218 -12.87 7.63 -22.15
C LEU A 218 -13.86 6.46 -22.02
N THR A 219 -14.46 6.29 -20.82
CA THR A 219 -15.52 5.25 -20.65
C THR A 219 -16.70 5.52 -21.58
N LYS A 220 -17.22 6.75 -21.54
CA LYS A 220 -18.34 7.09 -22.41
C LYS A 220 -17.99 6.91 -23.91
N SER A 221 -16.82 7.35 -24.34
CA SER A 221 -16.34 7.16 -25.73
C SER A 221 -16.35 5.69 -26.14
N THR A 222 -15.79 4.85 -25.28
CA THR A 222 -15.72 3.42 -25.53
C THR A 222 -17.09 2.81 -25.75
N ASP A 223 -18.04 3.16 -24.89
CA ASP A 223 -19.44 2.74 -25.08
C ASP A 223 -19.98 3.16 -26.46
N MET A 224 -19.78 4.41 -26.82
CA MET A 224 -20.18 4.93 -28.14
C MET A 224 -19.52 4.21 -29.33
N TYR A 225 -18.26 3.83 -29.20
CA TYR A 225 -17.58 3.04 -30.23
C TYR A 225 -18.08 1.58 -30.31
N HIS A 226 -18.38 0.98 -29.14
CA HIS A 226 -18.94 -0.38 -29.06
C HIS A 226 -20.27 -0.37 -29.84
N SER A 227 -21.03 0.72 -29.71
N SER A 227 -21.04 0.71 -29.70
CA SER A 227 -22.28 0.89 -30.46
CA SER A 227 -22.30 0.89 -30.45
C SER A 227 -22.07 1.05 -31.96
C SER A 227 -22.09 1.08 -31.96
N LEU A 228 -21.14 1.93 -32.35
CA LEU A 228 -20.84 2.15 -33.79
C LEU A 228 -20.28 0.89 -34.49
N LEU A 229 -19.40 0.17 -33.80
CA LEU A 229 -18.87 -1.08 -34.32
C LEU A 229 -19.92 -2.21 -34.50
N SER A 230 -21.05 -2.13 -33.76
CA SER A 230 -22.17 -3.07 -33.90
C SER A 230 -23.03 -2.91 -35.15
N ALA A 231 -22.85 -1.79 -35.85
CA ALA A 231 -23.61 -1.48 -37.06
C ALA A 231 -23.03 -2.20 -38.29
N ASN A 232 -23.86 -2.33 -39.34
CA ASN A 232 -23.43 -2.96 -40.59
C ASN A 232 -22.46 -2.14 -41.43
N THR A 233 -22.16 -0.92 -41.00
CA THR A 233 -21.24 -0.08 -41.77
C THR A 233 -20.21 0.66 -40.92
N VAL A 234 -18.95 0.37 -41.22
CA VAL A 234 -17.82 0.79 -40.43
C VAL A 234 -16.68 1.03 -41.39
N ASP A 235 -15.86 2.01 -41.04
CA ASP A 235 -14.70 2.50 -41.76
C ASP A 235 -13.35 2.08 -41.11
N ASP A 236 -12.26 2.04 -41.87
CA ASP A 236 -10.94 1.93 -41.22
C ASP A 236 -10.62 3.10 -40.27
N PRO A 237 -10.86 4.37 -40.71
CA PRO A 237 -10.67 5.48 -39.74
C PRO A 237 -11.47 5.30 -38.44
N LEU A 238 -12.69 4.78 -38.55
N LEU A 238 -12.68 4.76 -38.55
CA LEU A 238 -13.51 4.48 -37.41
CA LEU A 238 -13.54 4.47 -37.39
C LEU A 238 -12.89 3.40 -36.52
C LEU A 238 -13.04 3.32 -36.49
N ARG A 239 -12.48 2.29 -37.13
CA ARG A 239 -11.84 1.19 -36.39
C ARG A 239 -10.61 1.66 -35.63
N GLU A 240 -9.85 2.57 -36.22
CA GLU A 240 -8.64 3.12 -35.63
C GLU A 240 -8.98 4.02 -34.41
N ASN A 241 -10.04 4.83 -34.52
CA ASN A 241 -10.50 5.63 -33.35
C ASN A 241 -11.06 4.79 -32.24
N ALA A 242 -11.79 3.76 -32.61
CA ALA A 242 -12.30 2.79 -31.62
C ALA A 242 -11.12 2.10 -30.91
N ALA A 243 -10.12 1.67 -31.67
CA ALA A 243 -8.92 1.05 -31.08
C ALA A 243 -8.22 2.03 -30.10
N LEU A 244 -8.21 3.31 -30.45
CA LEU A 244 -7.56 4.35 -29.62
C LEU A 244 -8.34 4.59 -28.30
N ALA A 245 -9.65 4.71 -28.42
CA ALA A 245 -10.50 4.78 -27.20
C ALA A 245 -10.24 3.56 -26.31
N LEU A 246 -10.22 2.36 -26.94
CA LEU A 246 -10.12 1.14 -26.15
C LEU A 246 -8.78 1.08 -25.48
N CYS A 247 -7.74 1.54 -26.20
CA CYS A 247 -6.37 1.60 -25.71
C CYS A 247 -6.28 2.43 -24.41
N TYR A 248 -6.78 3.66 -24.46
CA TYR A 248 -6.70 4.53 -23.29
C TYR A 248 -7.68 4.14 -22.15
N THR A 249 -8.89 3.69 -22.49
CA THR A 249 -9.79 3.14 -21.47
C THR A 249 -9.16 1.90 -20.80
N GLY A 250 -8.51 1.08 -21.61
CA GLY A 250 -7.80 -0.10 -21.10
C GLY A 250 -6.75 0.26 -20.05
N ILE A 251 -5.89 1.23 -20.35
CA ILE A 251 -4.82 1.63 -19.42
C ILE A 251 -5.41 2.31 -18.18
N PHE A 252 -6.50 3.06 -18.34
CA PHE A 252 -7.18 3.62 -17.14
C PHE A 252 -7.68 2.51 -16.23
N HIS A 253 -8.24 1.43 -16.80
CA HIS A 253 -8.60 0.25 -15.99
C HIS A 253 -7.39 -0.28 -15.19
N PHE A 254 -6.27 -0.42 -15.87
CA PHE A 254 -5.01 -0.78 -15.23
C PHE A 254 -4.64 0.17 -14.08
N LEU A 255 -4.79 1.47 -14.32
CA LEU A 255 -4.42 2.45 -13.27
C LEU A 255 -5.41 2.36 -12.11
N LYS A 256 -6.65 1.98 -12.40
CA LYS A 256 -7.65 1.78 -11.32
C LYS A 256 -7.56 0.40 -10.64
N ASN A 257 -6.52 -0.34 -11.01
CA ASN A 257 -6.23 -1.66 -10.46
C ASN A 257 -7.24 -2.70 -10.95
N ASN A 258 -7.96 -2.38 -12.03
CA ASN A 258 -8.80 -3.37 -12.67
C ASN A 258 -8.07 -4.11 -13.81
N LEU A 259 -7.15 -5.01 -13.45
CA LEU A 259 -6.29 -5.67 -14.45
C LEU A 259 -7.03 -6.52 -15.49
N LEU A 260 -8.13 -7.11 -15.06
CA LEU A 260 -8.92 -7.96 -15.96
C LEU A 260 -9.56 -7.17 -17.11
N ASP A 261 -10.21 -6.06 -16.76
CA ASP A 261 -10.90 -5.29 -17.80
C ASP A 261 -9.85 -4.55 -18.64
N ALA A 262 -8.71 -4.22 -18.02
CA ALA A 262 -7.55 -3.68 -18.74
C ALA A 262 -7.12 -4.62 -19.91
N GLN A 263 -6.81 -5.87 -19.60
CA GLN A 263 -6.45 -6.86 -20.68
C GLN A 263 -7.50 -7.03 -21.77
N VAL A 264 -8.77 -7.13 -21.39
CA VAL A 264 -9.85 -7.32 -22.36
C VAL A 264 -9.91 -6.20 -23.38
N LEU A 265 -9.98 -4.94 -22.88
CA LEU A 265 -10.08 -3.78 -23.77
C LEU A 265 -8.83 -3.60 -24.59
N LEU A 266 -7.66 -3.83 -24.00
CA LEU A 266 -6.39 -3.68 -24.71
C LEU A 266 -6.23 -4.72 -25.85
N GLN A 267 -6.66 -5.96 -25.62
CA GLN A 267 -6.69 -6.95 -26.67
C GLN A 267 -7.75 -6.59 -27.76
N GLU A 268 -8.90 -6.07 -27.34
N GLU A 268 -8.90 -6.06 -27.35
CA GLU A 268 -9.91 -5.58 -28.30
CA GLU A 268 -9.89 -5.62 -28.34
C GLU A 268 -9.25 -4.53 -29.20
C GLU A 268 -9.29 -4.50 -29.21
N SER A 269 -8.59 -3.56 -28.56
CA SER A 269 -7.84 -2.54 -29.28
C SER A 269 -6.84 -3.13 -30.30
N ILE A 270 -6.01 -4.09 -29.83
CA ILE A 270 -5.01 -4.70 -30.71
C ILE A 270 -5.69 -5.43 -31.88
N ASN A 271 -6.79 -6.11 -31.59
CA ASN A 271 -7.53 -6.81 -32.64
C ASN A 271 -8.08 -5.88 -33.73
N LEU A 272 -8.53 -4.68 -33.35
CA LEU A 272 -8.97 -3.68 -34.30
C LEU A 272 -7.88 -3.04 -35.13
N HIS A 273 -6.84 -2.60 -34.44
CA HIS A 273 -5.80 -1.76 -35.03
C HIS A 273 -4.57 -1.77 -34.11
N PRO A 274 -3.63 -2.70 -34.37
CA PRO A 274 -2.46 -2.79 -33.46
C PRO A 274 -1.65 -1.51 -33.49
N THR A 275 -1.33 -0.99 -32.30
CA THR A 275 -0.52 0.20 -32.18
C THR A 275 0.56 -0.04 -31.10
N PRO A 276 1.65 0.72 -31.18
CA PRO A 276 2.65 0.65 -30.13
C PRO A 276 2.04 0.84 -28.72
N ASN A 277 1.24 1.88 -28.50
CA ASN A 277 0.65 2.11 -27.14
C ASN A 277 -0.13 0.89 -26.62
N SER A 278 -0.93 0.29 -27.51
N SER A 278 -0.95 0.25 -27.45
CA SER A 278 -1.74 -0.90 -27.15
CA SER A 278 -1.71 -0.89 -26.91
C SER A 278 -0.88 -2.03 -26.58
C SER A 278 -0.81 -2.04 -26.47
N TYR A 279 0.25 -2.29 -27.24
CA TYR A 279 1.24 -3.32 -26.80
C TYR A 279 2.00 -2.93 -25.53
N ILE A 280 2.37 -1.65 -25.44
CA ILE A 280 3.07 -1.16 -24.25
C ILE A 280 2.11 -1.33 -23.07
N PHE A 281 0.85 -0.91 -23.22
CA PHE A 281 -0.11 -0.89 -22.13
C PHE A 281 -0.43 -2.35 -21.73
N LEU A 282 -0.52 -3.23 -22.70
CA LEU A 282 -0.81 -4.66 -22.41
C LEU A 282 0.34 -5.27 -21.63
N ALA A 283 1.56 -5.01 -22.08
CA ALA A 283 2.75 -5.49 -21.36
C ALA A 283 2.82 -5.03 -19.93
N LEU A 284 2.57 -3.72 -19.69
CA LEU A 284 2.53 -3.16 -18.35
C LEU A 284 1.50 -3.89 -17.49
N THR A 285 0.31 -4.13 -18.06
N THR A 285 0.32 -4.14 -18.04
CA THR A 285 -0.78 -4.80 -17.36
CA THR A 285 -0.76 -4.81 -17.30
C THR A 285 -0.39 -6.21 -16.90
C THR A 285 -0.37 -6.22 -16.87
N LEU A 286 0.24 -6.96 -17.79
CA LEU A 286 0.64 -8.33 -17.49
C LEU A 286 2.06 -8.47 -16.92
N ALA A 287 2.75 -7.36 -16.68
CA ALA A 287 4.17 -7.43 -16.33
C ALA A 287 4.40 -8.27 -15.07
N ASP A 288 5.52 -8.99 -15.07
CA ASP A 288 6.07 -9.77 -13.93
C ASP A 288 7.60 -9.93 -14.10
N LYS A 289 8.39 -9.19 -13.32
CA LYS A 289 9.87 -9.24 -13.41
C LYS A 289 10.50 -10.62 -13.15
N GLU A 290 9.80 -11.45 -12.37
CA GLU A 290 10.23 -12.84 -12.08
C GLU A 290 10.01 -13.85 -13.23
N ASN A 291 9.13 -13.49 -14.18
CA ASN A 291 9.22 -14.06 -15.51
C ASN A 291 8.86 -13.07 -16.60
N SER A 292 9.90 -12.77 -17.36
CA SER A 292 10.07 -11.61 -18.23
C SER A 292 9.73 -11.82 -19.70
N GLN A 293 9.64 -13.07 -20.12
CA GLN A 293 9.64 -13.40 -21.55
C GLN A 293 8.54 -12.70 -22.35
N GLU A 294 7.29 -12.81 -21.85
CA GLU A 294 6.11 -12.27 -22.53
C GLU A 294 6.18 -10.76 -22.61
N PHE A 295 6.64 -10.14 -21.53
CA PHE A 295 6.85 -8.70 -21.49
C PHE A 295 7.75 -8.25 -22.69
N PHE A 296 8.89 -8.92 -22.85
CA PHE A 296 9.79 -8.52 -23.91
C PHE A 296 9.26 -8.83 -25.31
N LYS A 297 8.44 -9.89 -25.45
CA LYS A 297 7.79 -10.19 -26.74
C LYS A 297 6.81 -9.08 -27.12
N PHE A 298 5.99 -8.64 -26.16
CA PHE A 298 5.04 -7.55 -26.39
C PHE A 298 5.79 -6.27 -26.83
N PHE A 299 6.91 -5.96 -26.17
CA PHE A 299 7.67 -4.74 -26.53
C PHE A 299 8.38 -4.90 -27.87
N GLN A 300 8.77 -6.13 -28.21
CA GLN A 300 9.39 -6.30 -29.51
C GLN A 300 8.35 -6.09 -30.59
N LYS A 301 7.13 -6.58 -30.37
CA LYS A 301 6.05 -6.27 -31.31
C LYS A 301 5.72 -4.79 -31.38
N ALA A 302 5.74 -4.09 -30.23
CA ALA A 302 5.54 -2.64 -30.25
C ALA A 302 6.60 -1.93 -31.09
N VAL A 303 7.86 -2.35 -30.94
CA VAL A 303 8.95 -1.78 -31.74
C VAL A 303 8.66 -2.03 -33.24
N ASP A 304 8.29 -3.27 -33.60
CA ASP A 304 7.95 -3.61 -35.00
C ASP A 304 6.94 -2.64 -35.59
N LEU A 305 5.89 -2.30 -34.83
CA LEU A 305 4.86 -1.39 -35.33
C LEU A 305 5.33 0.03 -35.63
N ASN A 306 6.33 0.52 -34.89
CA ASN A 306 6.94 1.82 -35.18
C ASN A 306 8.32 1.91 -34.50
N PRO A 307 9.40 1.53 -35.20
CA PRO A 307 10.73 1.60 -34.55
C PRO A 307 11.22 3.00 -34.17
N GLU A 308 10.47 4.03 -34.55
CA GLU A 308 10.82 5.43 -34.22
C GLU A 308 9.96 6.04 -33.12
N TYR A 309 9.23 5.20 -32.39
CA TYR A 309 8.37 5.69 -31.31
C TYR A 309 9.10 5.71 -29.96
N PRO A 310 9.36 6.92 -29.40
CA PRO A 310 10.23 6.97 -28.19
C PRO A 310 9.71 6.22 -26.92
N PRO A 311 8.38 6.29 -26.59
CA PRO A 311 7.89 5.62 -25.38
C PRO A 311 8.08 4.10 -25.35
N THR A 312 8.12 3.42 -26.48
CA THR A 312 8.41 2.00 -26.49
C THR A 312 9.78 1.69 -25.86
N TYR A 313 10.81 2.41 -26.29
CA TYR A 313 12.15 2.18 -25.80
C TYR A 313 12.26 2.59 -24.30
N TYR A 314 11.60 3.68 -23.93
CA TYR A 314 11.69 4.16 -22.56
C TYR A 314 11.09 3.11 -21.60
N HIS A 315 9.88 2.66 -21.92
CA HIS A 315 9.26 1.63 -21.07
C HIS A 315 10.02 0.31 -21.01
N ARG A 316 10.54 -0.16 -22.14
CA ARG A 316 11.43 -1.32 -22.11
C ARG A 316 12.71 -1.07 -21.28
N GLY A 317 13.33 0.12 -21.42
CA GLY A 317 14.49 0.48 -20.57
C GLY A 317 14.19 0.38 -19.06
N GLN A 318 13.02 0.85 -18.64
CA GLN A 318 12.64 0.73 -17.23
C GLN A 318 12.68 -0.73 -16.76
N MET A 319 12.19 -1.65 -17.59
CA MET A 319 12.20 -3.07 -17.20
C MET A 319 13.63 -3.60 -17.09
N TYR A 320 14.45 -3.32 -18.09
CA TYR A 320 15.87 -3.68 -18.00
C TYR A 320 16.52 -3.09 -16.71
N PHE A 321 16.22 -1.83 -16.42
CA PHE A 321 16.69 -1.15 -15.21
C PHE A 321 16.31 -1.94 -13.93
N ILE A 322 15.01 -2.24 -13.79
CA ILE A 322 14.51 -3.07 -12.72
C ILE A 322 15.28 -4.42 -12.61
N LEU A 323 15.57 -5.00 -13.77
CA LEU A 323 16.26 -6.29 -13.86
C LEU A 323 17.78 -6.20 -13.65
N GLN A 324 18.28 -4.97 -13.48
CA GLN A 324 19.74 -4.70 -13.33
C GLN A 324 20.57 -5.11 -14.54
N ASP A 325 19.92 -5.10 -15.69
CA ASP A 325 20.59 -5.20 -16.98
C ASP A 325 20.87 -3.77 -17.40
N TYR A 326 21.88 -3.18 -16.76
CA TYR A 326 22.24 -1.77 -16.97
C TYR A 326 22.67 -1.46 -18.40
N LYS A 327 23.34 -2.40 -19.07
CA LYS A 327 23.75 -2.10 -20.45
C LYS A 327 22.56 -1.91 -21.39
N ASN A 328 21.59 -2.82 -21.32
CA ASN A 328 20.42 -2.76 -22.19
C ASN A 328 19.50 -1.60 -21.85
N ALA A 329 19.43 -1.27 -20.57
CA ALA A 329 18.68 -0.13 -20.07
C ALA A 329 19.28 1.16 -20.61
N LYS A 330 20.65 1.27 -20.65
CA LYS A 330 21.26 2.49 -21.17
C LYS A 330 20.93 2.65 -22.67
N GLU A 331 21.09 1.57 -23.43
CA GLU A 331 20.80 1.63 -24.87
C GLU A 331 19.38 2.06 -25.15
N ASP A 332 18.40 1.49 -24.43
CA ASP A 332 16.97 1.84 -24.66
C ASP A 332 16.64 3.29 -24.28
N PHE A 333 17.13 3.72 -23.11
CA PHE A 333 16.94 5.15 -22.75
C PHE A 333 17.64 6.07 -23.75
N GLN A 334 18.85 5.74 -24.19
CA GLN A 334 19.52 6.53 -25.24
C GLN A 334 18.73 6.63 -26.54
N LYS A 335 18.13 5.50 -26.95
CA LYS A 335 17.21 5.46 -28.12
C LYS A 335 15.94 6.32 -27.93
N ALA A 336 15.26 6.20 -26.77
CA ALA A 336 14.14 7.09 -26.44
C ALA A 336 14.57 8.55 -26.49
N GLN A 337 15.71 8.84 -25.86
CA GLN A 337 16.26 10.22 -25.88
C GLN A 337 16.52 10.76 -27.30
N SER A 338 17.16 9.96 -28.14
N SER A 338 17.18 9.97 -28.13
CA SER A 338 17.48 10.39 -29.51
CA SER A 338 17.46 10.38 -29.51
C SER A 338 16.24 10.57 -30.40
C SER A 338 16.17 10.69 -30.26
N LEU A 339 15.18 9.81 -30.12
CA LEU A 339 13.90 9.95 -30.85
C LEU A 339 13.09 11.17 -30.42
N ASN A 340 13.20 11.56 -29.14
CA ASN A 340 12.52 12.75 -28.66
C ASN A 340 13.37 13.45 -27.62
N PRO A 341 14.33 14.27 -28.11
CA PRO A 341 15.25 14.90 -27.18
C PRO A 341 14.60 16.00 -26.31
N GLU A 342 13.32 16.31 -26.54
CA GLU A 342 12.68 17.42 -25.83
C GLU A 342 11.91 16.89 -24.61
N ASN A 343 11.96 15.59 -24.41
CA ASN A 343 11.33 14.99 -23.22
C ASN A 343 12.42 14.76 -22.15
N VAL A 344 12.17 15.27 -20.97
CA VAL A 344 13.18 15.21 -19.88
C VAL A 344 13.36 13.78 -19.29
N TYR A 345 12.38 12.87 -19.46
CA TYR A 345 12.41 11.58 -18.72
C TYR A 345 13.57 10.62 -19.07
N PRO A 346 13.88 10.44 -20.36
CA PRO A 346 15.02 9.61 -20.68
C PRO A 346 16.32 10.14 -20.09
N TYR A 347 16.47 11.46 -20.00
CA TYR A 347 17.66 12.06 -19.32
C TYR A 347 17.71 11.70 -17.84
N ILE A 348 16.59 11.85 -17.18
CA ILE A 348 16.48 11.51 -15.76
C ILE A 348 16.92 10.05 -15.54
N GLN A 349 16.38 9.14 -16.36
CA GLN A 349 16.66 7.71 -16.14
C GLN A 349 18.13 7.40 -16.41
N LEU A 350 18.70 8.02 -17.43
CA LEU A 350 20.15 7.86 -17.66
C LEU A 350 20.98 8.28 -16.43
N ALA A 351 20.62 9.41 -15.85
CA ALA A 351 21.30 9.92 -14.64
C ALA A 351 21.11 8.96 -13.46
N CYS A 352 19.87 8.44 -13.30
CA CYS A 352 19.57 7.49 -12.26
C CYS A 352 20.34 6.19 -12.43
N LEU A 353 20.45 5.74 -13.67
CA LEU A 353 21.21 4.56 -14.02
C LEU A 353 22.65 4.66 -13.54
N LEU A 354 23.29 5.80 -13.83
CA LEU A 354 24.65 6.07 -13.34
C LEU A 354 24.71 5.94 -11.83
N TYR A 355 23.77 6.56 -11.14
CA TYR A 355 23.77 6.48 -9.69
C TYR A 355 23.68 5.03 -9.15
N LYS A 356 22.78 4.23 -9.73
CA LYS A 356 22.52 2.90 -9.20
C LYS A 356 23.74 2.01 -9.44
N GLN A 357 24.55 2.36 -10.43
CA GLN A 357 25.83 1.68 -10.64
C GLN A 357 27.01 2.18 -9.81
N GLY A 358 26.72 3.01 -8.82
CA GLY A 358 27.75 3.53 -7.92
C GLY A 358 28.52 4.69 -8.47
N LYS A 359 28.04 5.29 -9.57
CA LYS A 359 28.77 6.37 -10.24
C LYS A 359 28.13 7.72 -9.90
N PHE A 360 28.12 8.07 -8.63
CA PHE A 360 27.45 9.31 -8.21
C PHE A 360 27.98 10.56 -8.94
N THR A 361 29.30 10.70 -9.03
CA THR A 361 29.88 11.90 -9.67
C THR A 361 29.41 12.00 -11.12
N GLU A 362 29.38 10.89 -11.85
CA GLU A 362 28.85 10.94 -13.21
C GLU A 362 27.35 11.24 -13.24
N SER A 363 26.60 10.71 -12.26
CA SER A 363 25.15 10.94 -12.18
C SER A 363 24.86 12.43 -11.92
N GLU A 364 25.57 12.99 -10.93
CA GLU A 364 25.52 14.41 -10.63
C GLU A 364 25.84 15.28 -11.84
N ALA A 365 26.97 15.02 -12.53
CA ALA A 365 27.22 15.72 -13.82
C ALA A 365 26.09 15.59 -14.83
N PHE A 366 25.52 14.38 -14.96
CA PHE A 366 24.43 14.21 -15.92
C PHE A 366 23.21 15.04 -15.51
N PHE A 367 22.86 15.01 -14.23
CA PHE A 367 21.80 15.91 -13.68
C PHE A 367 22.09 17.40 -13.96
N ASN A 368 23.34 17.84 -13.73
CA ASN A 368 23.64 19.25 -14.01
C ASN A 368 23.51 19.58 -15.48
N GLU A 369 23.96 18.71 -16.38
CA GLU A 369 23.77 18.96 -17.82
C GLU A 369 22.28 18.98 -18.18
N THR A 370 21.50 18.08 -17.58
CA THR A 370 20.04 17.99 -17.85
C THR A 370 19.34 19.29 -17.41
N LYS A 371 19.72 19.79 -16.23
CA LYS A 371 19.26 21.06 -15.73
C LYS A 371 19.49 22.24 -16.70
N LEU A 372 20.66 22.30 -17.34
CA LEU A 372 20.89 23.33 -18.37
C LEU A 372 19.97 23.20 -19.57
N LYS A 373 19.59 21.96 -19.92
CA LYS A 373 18.72 21.76 -21.04
C LYS A 373 17.27 22.03 -20.66
N PHE A 374 16.92 21.74 -19.39
CA PHE A 374 15.55 21.87 -18.91
C PHE A 374 15.52 22.69 -17.61
N PRO A 375 15.94 23.99 -17.68
CA PRO A 375 16.11 24.79 -16.47
C PRO A 375 14.84 25.04 -15.64
N THR A 376 13.67 25.01 -16.28
CA THR A 376 12.44 25.30 -15.52
C THR A 376 11.68 24.06 -14.99
N LEU A 377 12.14 22.86 -15.30
CA LEU A 377 11.39 21.64 -14.99
C LEU A 377 11.73 21.08 -13.61
N PRO A 378 10.71 20.90 -12.73
CA PRO A 378 11.05 20.41 -11.39
C PRO A 378 11.41 18.93 -11.35
N GLU A 379 11.20 18.18 -12.43
CA GLU A 379 11.63 16.75 -12.50
C GLU A 379 13.11 16.61 -12.16
N VAL A 380 13.92 17.54 -12.64
CA VAL A 380 15.38 17.43 -12.48
C VAL A 380 15.80 17.50 -11.01
N PRO A 381 15.48 18.62 -10.32
CA PRO A 381 15.84 18.59 -8.89
C PRO A 381 15.12 17.55 -8.01
N THR A 382 13.90 17.18 -8.38
CA THR A 382 13.18 16.19 -7.59
C THR A 382 13.90 14.84 -7.57
N PHE A 383 14.22 14.31 -8.75
CA PHE A 383 14.89 13.01 -8.81
C PHE A 383 16.34 13.09 -8.24
N PHE A 384 17.01 14.22 -8.45
CA PHE A 384 18.33 14.45 -7.84
C PHE A 384 18.27 14.50 -6.30
N ALA A 385 17.26 15.20 -5.74
CA ALA A 385 17.05 15.20 -4.31
C ALA A 385 16.85 13.79 -3.73
N GLU A 386 16.19 12.93 -4.49
N GLU A 386 16.17 12.93 -4.47
CA GLU A 386 15.93 11.52 -4.12
CA GLU A 386 15.94 11.56 -4.04
C GLU A 386 17.22 10.73 -3.91
C GLU A 386 17.28 10.85 -3.82
N ILE A 387 18.15 10.97 -4.82
CA ILE A 387 19.49 10.39 -4.78
C ILE A 387 20.32 10.93 -3.61
N LEU A 388 20.26 12.25 -3.41
CA LEU A 388 20.96 12.85 -2.26
C LEU A 388 20.42 12.34 -0.94
N THR A 389 19.10 12.15 -0.87
CA THR A 389 18.51 11.63 0.35
C THR A 389 19.07 10.24 0.61
N ASP A 390 19.09 9.42 -0.43
CA ASP A 390 19.63 8.06 -0.38
C ASP A 390 21.09 8.06 0.11
N ARG A 391 21.82 9.11 -0.24
CA ARG A 391 23.20 9.28 0.24
C ARG A 391 23.33 9.85 1.65
N GLY A 392 22.23 10.33 2.21
CA GLY A 392 22.25 10.84 3.58
C GLY A 392 22.62 12.30 3.56
N ASP A 393 22.64 12.88 2.37
CA ASP A 393 22.96 14.29 2.27
C ASP A 393 21.67 15.09 2.43
N PHE A 394 21.17 15.12 3.65
CA PHE A 394 19.83 15.61 3.91
C PHE A 394 19.71 17.12 3.70
N ASP A 395 20.78 17.85 4.01
CA ASP A 395 20.88 19.32 3.84
C ASP A 395 20.75 19.79 2.41
N THR A 396 21.50 19.15 1.52
CA THR A 396 21.47 19.44 0.11
C THR A 396 20.15 18.90 -0.53
N ALA A 397 19.68 17.74 -0.06
CA ALA A 397 18.41 17.17 -0.54
C ALA A 397 17.24 18.13 -0.28
N ILE A 398 17.17 18.66 0.95
CA ILE A 398 16.20 19.71 1.28
C ILE A 398 16.26 20.91 0.29
N LYS A 399 17.46 21.41 0.00
CA LYS A 399 17.57 22.55 -0.89
C LYS A 399 17.05 22.23 -2.32
N GLN A 400 17.30 21.01 -2.80
CA GLN A 400 16.85 20.57 -4.12
C GLN A 400 15.34 20.35 -4.12
N TYR A 401 14.82 19.76 -3.04
CA TYR A 401 13.36 19.68 -2.86
C TYR A 401 12.73 21.10 -2.81
N ASP A 402 13.42 22.04 -2.20
CA ASP A 402 12.92 23.42 -2.14
C ASP A 402 12.81 24.07 -3.50
N ILE A 403 13.80 23.83 -4.35
CA ILE A 403 13.84 24.38 -5.69
C ILE A 403 12.75 23.71 -6.54
N ALA A 404 12.61 22.40 -6.40
CA ALA A 404 11.57 21.65 -7.17
C ALA A 404 10.14 22.12 -6.81
N LYS A 405 9.89 22.28 -5.53
CA LYS A 405 8.63 22.80 -5.01
C LYS A 405 8.28 24.17 -5.65
N ARG A 406 9.24 25.11 -5.65
CA ARG A 406 9.00 26.43 -6.24
C ARG A 406 8.73 26.40 -7.76
N LEU A 407 9.46 25.56 -8.49
CA LEU A 407 9.23 25.36 -9.90
C LEU A 407 7.86 24.68 -10.15
N GLU A 408 7.50 23.74 -9.29
CA GLU A 408 6.22 23.03 -9.47
C GLU A 408 5.04 23.99 -9.34
N GLU A 409 5.06 24.79 -8.28
CA GLU A 409 4.03 25.80 -7.99
C GLU A 409 3.77 26.75 -9.14
N VAL A 410 4.79 27.07 -9.93
CA VAL A 410 4.60 28.02 -11.05
C VAL A 410 4.34 27.41 -12.40
N GLN A 411 4.48 26.09 -12.53
CA GLN A 411 4.17 25.45 -13.79
C GLN A 411 2.67 25.51 -14.00
N GLU A 412 2.25 25.48 -15.27
CA GLU A 412 0.85 25.42 -15.67
C GLU A 412 0.28 23.99 -15.47
N LYS A 413 1.09 22.99 -15.76
CA LYS A 413 0.67 21.59 -15.65
C LYS A 413 1.23 20.98 -14.36
N ILE A 414 0.76 19.78 -14.04
CA ILE A 414 1.41 19.02 -12.98
C ILE A 414 2.67 18.37 -13.57
N HIS A 415 3.81 18.56 -12.93
CA HIS A 415 5.04 17.88 -13.35
C HIS A 415 5.44 16.80 -12.32
N VAL A 416 5.71 17.24 -11.09
CA VAL A 416 6.11 16.34 -10.00
C VAL A 416 5.10 16.36 -8.87
N GLY A 417 4.04 17.15 -9.02
CA GLY A 417 2.91 17.09 -8.06
C GLY A 417 3.42 17.37 -6.65
N ILE A 418 2.99 16.56 -5.68
CA ILE A 418 3.37 16.79 -4.28
C ILE A 418 4.67 16.08 -3.92
N GLY A 419 5.33 15.43 -4.87
CA GLY A 419 6.61 14.75 -4.59
C GLY A 419 7.59 15.56 -3.69
N PRO A 420 7.89 16.81 -4.06
CA PRO A 420 8.77 17.62 -3.18
C PRO A 420 8.27 17.83 -1.73
N LEU A 421 6.96 18.02 -1.55
CA LEU A 421 6.44 18.20 -0.21
C LEU A 421 6.68 16.94 0.62
N ILE A 422 6.36 15.78 0.04
CA ILE A 422 6.66 14.48 0.66
C ILE A 422 8.15 14.26 0.97
N GLY A 423 9.03 14.54 0.00
CA GLY A 423 10.45 14.32 0.22
C GLY A 423 11.02 15.18 1.34
N LYS A 424 10.63 16.45 1.35
CA LYS A 424 11.08 17.38 2.37
C LYS A 424 10.47 17.01 3.74
N ALA A 425 9.18 16.71 3.81
CA ALA A 425 8.53 16.40 5.09
C ALA A 425 9.17 15.19 5.73
N THR A 426 9.52 14.22 4.90
CA THR A 426 10.09 12.98 5.38
C THR A 426 11.48 13.20 5.95
N ILE A 427 12.30 13.99 5.28
CA ILE A 427 13.60 14.39 5.86
C ILE A 427 13.37 15.10 7.18
N LEU A 428 12.46 16.08 7.21
CA LEU A 428 12.21 16.87 8.45
C LEU A 428 11.65 16.06 9.63
N ALA A 429 10.76 15.12 9.31
CA ALA A 429 10.08 14.29 10.29
C ALA A 429 11.00 13.36 11.10
N ARG A 430 11.97 12.76 10.40
CA ARG A 430 12.92 11.86 11.07
C ARG A 430 14.20 12.57 11.55
N GLN A 431 14.52 13.73 10.97
CA GLN A 431 15.50 14.63 11.60
C GLN A 431 14.96 14.98 12.98
N SER A 432 13.66 15.30 13.05
CA SER A 432 12.84 15.15 14.27
C SER A 432 11.54 15.94 14.23
N GLU A 442 10.66 20.91 16.75
CA GLU A 442 10.64 22.12 15.95
C GLU A 442 10.23 21.81 14.51
N LYS A 443 11.10 21.13 13.78
CA LYS A 443 10.82 20.78 12.39
C LYS A 443 9.64 19.82 12.30
N PHE A 444 9.33 19.15 13.41
CA PHE A 444 8.21 18.21 13.44
C PHE A 444 6.89 18.89 13.02
N ASN A 445 6.63 20.08 13.54
CA ASN A 445 5.50 20.90 13.13
C ASN A 445 5.58 21.33 11.67
N ALA A 446 6.79 21.62 11.21
CA ALA A 446 7.03 21.93 9.83
C ALA A 446 6.71 20.72 8.92
N ALA A 447 7.04 19.51 9.38
CA ALA A 447 6.70 18.25 8.71
C ALA A 447 5.18 18.02 8.64
N ILE A 448 4.49 18.25 9.74
CA ILE A 448 3.04 18.14 9.80
C ILE A 448 2.41 19.08 8.78
N LYS A 449 2.88 20.33 8.75
CA LYS A 449 2.33 21.33 7.83
C LYS A 449 2.56 20.94 6.37
N LEU A 450 3.76 20.43 6.06
CA LEU A 450 4.04 19.98 4.68
C LEU A 450 3.15 18.82 4.26
N LEU A 451 3.06 17.80 5.10
CA LEU A 451 2.26 16.60 4.75
C LEU A 451 0.76 16.88 4.72
N THR A 452 0.29 17.78 5.57
CA THR A 452 -1.10 18.20 5.56
C THR A 452 -1.42 18.91 4.24
N LYS A 453 -0.52 19.80 3.82
CA LYS A 453 -0.66 20.50 2.53
C LYS A 453 -0.67 19.48 1.41
N ALA A 454 0.24 18.50 1.47
CA ALA A 454 0.35 17.47 0.44
C ALA A 454 -0.96 16.68 0.32
N CYS A 455 -1.54 16.28 1.48
CA CYS A 455 -2.84 15.56 1.53
C CYS A 455 -3.96 16.40 0.91
N GLU A 456 -3.96 17.71 1.21
CA GLU A 456 -4.97 18.60 0.65
C GLU A 456 -4.83 18.76 -0.87
N LEU A 457 -3.59 18.87 -1.34
CA LEU A 457 -3.35 19.13 -2.74
C LEU A 457 -3.63 17.92 -3.58
N ASP A 458 -3.38 16.73 -3.02
CA ASP A 458 -3.48 15.46 -3.80
C ASP A 458 -4.16 14.40 -2.92
N PRO A 459 -5.48 14.53 -2.74
CA PRO A 459 -6.23 13.70 -1.79
C PRO A 459 -6.20 12.21 -2.08
N ARG A 460 -5.86 11.81 -3.32
CA ARG A 460 -5.72 10.37 -3.64
C ARG A 460 -4.31 9.83 -3.45
N SER A 461 -3.40 10.62 -2.86
CA SER A 461 -2.05 10.13 -2.63
C SER A 461 -2.02 9.33 -1.32
N GLU A 462 -1.80 8.01 -1.40
CA GLU A 462 -1.65 7.17 -0.20
C GLU A 462 -0.30 7.49 0.47
N GLN A 463 0.70 7.88 -0.32
N GLN A 463 0.67 7.89 -0.34
CA GLN A 463 1.99 8.28 0.22
CA GLN A 463 1.97 8.27 0.17
C GLN A 463 1.83 9.46 1.19
C GLN A 463 1.86 9.47 1.14
N ALA A 464 1.07 10.48 0.78
CA ALA A 464 0.81 11.64 1.64
C ALA A 464 0.06 11.25 2.93
N LYS A 465 -0.98 10.41 2.77
CA LYS A 465 -1.78 9.96 3.92
C LYS A 465 -0.93 9.18 4.92
N ILE A 466 -0.11 8.27 4.43
CA ILE A 466 0.69 7.42 5.30
C ILE A 466 1.72 8.22 6.05
N GLY A 467 2.40 9.13 5.35
CA GLY A 467 3.36 10.04 5.98
C GLY A 467 2.68 10.91 7.04
N LEU A 468 1.54 11.50 6.71
CA LEU A 468 0.82 12.25 7.74
C LEU A 468 0.38 11.38 8.98
N ALA A 469 -0.06 10.15 8.70
CA ALA A 469 -0.54 9.22 9.73
C ALA A 469 0.56 8.85 10.73
N GLN A 470 1.77 8.68 10.23
N GLN A 470 1.78 8.68 10.22
CA GLN A 470 2.94 8.41 11.06
CA GLN A 470 2.94 8.39 11.06
C GLN A 470 3.14 9.51 12.11
C GLN A 470 3.23 9.52 12.08
N LEU A 471 2.97 10.77 11.69
CA LEU A 471 3.11 11.91 12.62
C LEU A 471 1.93 12.03 13.58
N LYS A 472 0.70 11.79 13.08
CA LYS A 472 -0.49 11.71 13.93
C LYS A 472 -0.31 10.70 15.06
N LEU A 473 0.23 9.51 14.73
CA LEU A 473 0.58 8.54 15.78
C LEU A 473 1.45 9.14 16.88
N GLN A 474 2.54 9.82 16.49
CA GLN A 474 3.49 10.43 17.43
C GLN A 474 2.90 11.50 18.32
N MET A 475 1.90 12.24 17.84
CA MET A 475 1.16 13.19 18.70
C MET A 475 -0.13 12.62 19.27
N GLU A 476 -0.22 11.30 19.27
CA GLU A 476 -1.34 10.58 19.89
C GLU A 476 -2.72 10.92 19.31
N LYS A 477 -2.78 11.17 17.98
CA LYS A 477 -4.06 11.31 17.28
C LYS A 477 -4.27 9.97 16.56
N ILE A 478 -4.53 8.93 17.36
CA ILE A 478 -4.58 7.56 16.87
C ILE A 478 -5.80 7.30 15.98
N ASP A 479 -6.96 7.83 16.36
CA ASP A 479 -8.14 7.68 15.48
C ASP A 479 -7.91 8.25 14.07
N GLU A 480 -7.29 9.44 13.99
CA GLU A 480 -6.94 10.05 12.68
C GLU A 480 -5.90 9.27 11.91
N ALA A 481 -4.83 8.82 12.59
CA ALA A 481 -3.91 7.82 12.00
C ALA A 481 -4.61 6.64 11.34
N ILE A 482 -5.49 5.99 12.10
CA ILE A 482 -6.16 4.76 11.68
C ILE A 482 -6.92 5.02 10.37
N GLU A 483 -7.67 6.11 10.34
CA GLU A 483 -8.48 6.50 9.15
C GLU A 483 -7.58 6.74 7.91
N LEU A 484 -6.47 7.46 8.10
CA LEU A 484 -5.49 7.71 7.00
C LEU A 484 -4.87 6.43 6.50
N PHE A 485 -4.53 5.53 7.45
CA PHE A 485 -3.94 4.21 7.13
C PHE A 485 -4.91 3.35 6.36
N GLU A 486 -6.16 3.30 6.81
CA GLU A 486 -7.16 2.47 6.15
C GLU A 486 -7.53 3.03 4.75
N ASP A 487 -7.69 4.34 4.65
CA ASP A 487 -7.89 4.99 3.35
C ASP A 487 -6.75 4.70 2.38
N SER A 488 -5.53 4.72 2.92
CA SER A 488 -4.31 4.42 2.16
C SER A 488 -4.24 3.01 1.63
N ALA A 489 -4.70 2.03 2.40
CA ALA A 489 -4.76 0.65 1.93
C ALA A 489 -5.74 0.49 0.76
N ILE A 490 -6.85 1.21 0.78
CA ILE A 490 -7.83 1.16 -0.29
C ILE A 490 -7.21 1.81 -1.55
N LEU A 491 -6.47 2.91 -1.36
CA LEU A 491 -5.71 3.58 -2.44
C LEU A 491 -4.53 2.84 -3.02
N ALA A 492 -3.76 2.16 -2.17
CA ALA A 492 -2.54 1.48 -2.59
C ALA A 492 -2.84 0.50 -3.74
N ARG A 493 -1.94 0.42 -4.73
CA ARG A 493 -2.16 -0.53 -5.87
C ARG A 493 -1.57 -1.94 -5.67
N THR A 494 -0.29 -2.06 -5.33
CA THR A 494 0.29 -3.39 -5.24
C THR A 494 -0.16 -4.11 -3.95
N MET A 495 -0.19 -5.45 -3.98
CA MET A 495 -0.52 -6.20 -2.78
C MET A 495 0.36 -5.85 -1.58
N ASP A 496 1.67 -5.66 -1.85
CA ASP A 496 2.64 -5.34 -0.81
C ASP A 496 2.34 -3.99 -0.15
N GLU A 497 1.91 -3.00 -0.94
CA GLU A 497 1.59 -1.68 -0.43
C GLU A 497 0.25 -1.72 0.31
N LYS A 498 -0.73 -2.47 -0.21
CA LYS A 498 -1.99 -2.68 0.53
C LYS A 498 -1.72 -3.34 1.89
N LEU A 499 -0.91 -4.40 1.88
CA LEU A 499 -0.51 -5.10 3.11
C LEU A 499 0.23 -4.18 4.07
N GLN A 500 1.12 -3.35 3.54
CA GLN A 500 1.88 -2.44 4.41
C GLN A 500 0.96 -1.46 5.18
N ALA A 501 0.04 -0.85 4.43
CA ALA A 501 -0.90 0.14 5.01
C ALA A 501 -1.88 -0.54 5.98
N THR A 502 -2.34 -1.74 5.62
CA THR A 502 -3.16 -2.53 6.56
C THR A 502 -2.41 -2.83 7.85
N THR A 503 -1.13 -3.21 7.74
CA THR A 503 -0.33 -3.47 8.93
C THR A 503 -0.24 -2.24 9.83
N PHE A 504 -0.01 -1.07 9.25
CA PHE A 504 0.03 0.16 10.02
C PHE A 504 -1.33 0.39 10.71
N ALA A 505 -2.42 0.21 9.98
CA ALA A 505 -3.79 0.39 10.56
C ALA A 505 -4.05 -0.55 11.73
N GLU A 506 -3.69 -1.83 11.55
CA GLU A 506 -3.99 -2.85 12.57
C GLU A 506 -3.13 -2.66 13.81
N ALA A 507 -1.86 -2.28 13.63
CA ALA A 507 -0.98 -1.92 14.74
C ALA A 507 -1.57 -0.75 15.57
N ALA A 508 -2.08 0.26 14.87
CA ALA A 508 -2.56 1.50 15.51
C ALA A 508 -3.85 1.21 16.28
N LYS A 509 -4.68 0.30 15.74
CA LYS A 509 -5.90 -0.13 16.44
C LYS A 509 -5.57 -0.80 17.77
N ILE A 510 -4.45 -1.52 17.80
CA ILE A 510 -3.96 -2.11 19.09
C ILE A 510 -3.55 -0.99 20.03
N GLN A 511 -2.83 -0.01 19.48
CA GLN A 511 -2.51 1.15 20.30
C GLN A 511 -3.76 1.86 20.88
N LYS A 512 -4.76 2.14 20.05
CA LYS A 512 -6.07 2.68 20.50
C LYS A 512 -6.60 1.88 21.71
N ARG A 513 -6.56 0.54 21.59
CA ARG A 513 -7.19 -0.37 22.56
C ARG A 513 -6.43 -0.30 23.85
N LEU A 514 -5.11 -0.29 23.76
CA LEU A 514 -4.31 -0.16 24.98
C LEU A 514 -4.52 1.22 25.67
N ARG A 515 -4.46 2.29 24.87
CA ARG A 515 -4.66 3.64 25.41
C ARG A 515 -6.05 3.91 25.99
N ALA A 516 -7.03 3.11 25.59
CA ALA A 516 -8.39 3.24 26.04
C ALA A 516 -8.52 2.75 27.51
N ASP A 517 -7.55 1.98 27.98
CA ASP A 517 -7.49 1.57 29.38
C ASP A 517 -6.55 2.50 30.15
N PRO A 518 -7.10 3.31 31.09
CA PRO A 518 -6.18 4.27 31.76
C PRO A 518 -5.08 3.65 32.60
N ILE A 519 -5.31 2.47 33.16
CA ILE A 519 -4.31 1.80 33.97
C ILE A 519 -3.19 1.34 33.02
N ILE A 520 -3.59 0.72 31.92
CA ILE A 520 -2.60 0.37 30.89
C ILE A 520 -1.83 1.59 30.41
N SER A 521 -2.53 2.67 30.09
CA SER A 521 -1.92 3.86 29.51
C SER A 521 -0.90 4.52 30.46
N ALA A 522 -1.24 4.59 31.76
CA ALA A 522 -0.27 5.06 32.76
C ALA A 522 1.01 4.22 32.80
N LYS A 523 0.88 2.89 32.74
CA LYS A 523 2.05 2.00 32.64
C LYS A 523 2.83 2.16 31.32
N MET A 524 2.14 2.52 30.23
CA MET A 524 2.84 2.85 28.96
C MET A 524 3.78 4.07 29.09
N GLU A 525 3.48 4.93 30.06
CA GLU A 525 4.43 5.98 30.48
C GLU A 525 5.51 5.42 31.44
#